data_3M5K
#
_entry.id   3M5K
#
_cell.length_a   149.639
_cell.length_b   149.639
_cell.length_c   149.639
_cell.angle_alpha   90.00
_cell.angle_beta   90.00
_cell.angle_gamma   90.00
#
_symmetry.space_group_name_H-M   'P 43 3 2'
#
loop_
_entity.id
_entity.type
_entity.pdbx_description
1 polymer 'Putative NADH dehydrogenase/NAD(P)H nitroreductase'
2 non-polymer 'FLAVIN MONONUCLEOTIDE'
3 non-polymer 'UNKNOWN LIGAND'
4 non-polymer 'CHLORIDE ION'
5 water water
#
_entity_poly.entity_id   1
_entity_poly.type   'polypeptide(L)'
_entity_poly.pdbx_seq_one_letter_code
;GQEPENQTLETILNRKSVRKYKDRPVEKEKIDKLIRAG(MSE)AAPSSRDRRPWEFIIVTDRKALDT(MSE)AEGLPFAR
(MSE)LKETRQAIVVCGDTIKSSNAWFLDCSAASQNLLLAAES(MSE)GLGAVWTAVYPYPDRIEIVRKELRLPDHI
(MSE)PLNVIPVGYP(MSE)QKETPKNKYNVQQIHHNGW
;
_entity_poly.pdbx_strand_id   A,B
#
# COMPACT_ATOMS: atom_id res chain seq x y z
N GLU A 5 -10.25 -21.58 5.51
CA GLU A 5 -10.63 -20.13 5.63
C GLU A 5 -9.42 -19.25 5.90
N ASN A 6 -9.36 -18.12 5.19
CA ASN A 6 -8.24 -17.21 5.32
C ASN A 6 -8.84 -15.86 5.68
N GLN A 7 -8.78 -15.51 6.96
CA GLN A 7 -9.37 -14.25 7.43
C GLN A 7 -8.69 -12.98 6.88
N THR A 8 -7.37 -13.06 6.69
CA THR A 8 -6.61 -11.96 6.07
C THR A 8 -7.10 -11.64 4.65
N LEU A 9 -7.21 -12.67 3.81
N LEU A 9 -7.24 -12.67 3.82
CA LEU A 9 -7.76 -12.50 2.46
CA LEU A 9 -7.74 -12.48 2.46
C LEU A 9 -9.19 -11.93 2.48
C LEU A 9 -9.19 -11.97 2.45
N GLU A 10 -10.01 -12.41 3.42
CA GLU A 10 -11.39 -11.89 3.58
C GLU A 10 -11.41 -10.38 3.92
N THR A 11 -10.52 -9.95 4.81
CA THR A 11 -10.41 -8.54 5.14
C THR A 11 -10.01 -7.75 3.92
N ILE A 12 -8.97 -8.22 3.23
CA ILE A 12 -8.52 -7.59 2.00
C ILE A 12 -9.68 -7.43 0.99
N LEU A 13 -10.46 -8.47 0.80
CA LEU A 13 -11.53 -8.43 -0.20
C LEU A 13 -12.81 -7.66 0.26
N ASN A 14 -12.99 -7.50 1.56
CA ASN A 14 -14.12 -6.75 2.12
C ASN A 14 -13.86 -5.30 2.48
N ARG A 15 -12.59 -4.89 2.48
CA ARG A 15 -12.27 -3.48 2.74
C ARG A 15 -13.02 -2.55 1.75
N LYS A 16 -13.59 -1.45 2.26
CA LYS A 16 -14.13 -0.40 1.40
C LYS A 16 -13.90 0.96 2.03
N SER A 17 -13.97 2.01 1.21
CA SER A 17 -13.85 3.38 1.69
C SER A 17 -15.14 3.72 2.46
N VAL A 18 -15.00 4.14 3.71
CA VAL A 18 -16.13 4.54 4.54
C VAL A 18 -15.99 6.02 4.81
N ARG A 19 -17.04 6.76 4.47
CA ARG A 19 -17.05 8.23 4.54
C ARG A 19 -18.10 8.82 5.51
N LYS A 20 -18.83 7.95 6.22
CA LYS A 20 -19.86 8.38 7.21
C LYS A 20 -19.69 7.56 8.48
N TYR A 21 -19.65 8.24 9.63
CA TYR A 21 -19.27 7.62 10.89
C TYR A 21 -20.33 7.89 11.98
N LYS A 22 -20.39 6.99 12.96
CA LYS A 22 -21.11 7.24 14.19
C LYS A 22 -20.42 8.36 14.95
N ASP A 23 -21.14 8.99 15.85
CA ASP A 23 -20.58 10.13 16.55
C ASP A 23 -19.44 9.79 17.47
N ARG A 24 -19.42 8.56 17.99
N ARG A 24 -19.42 8.58 18.01
CA ARG A 24 -18.49 8.22 19.07
CA ARG A 24 -18.49 8.27 19.10
C ARG A 24 -17.02 8.17 18.64
C ARG A 24 -17.03 8.17 18.66
N PRO A 25 -16.11 8.62 19.52
CA PRO A 25 -14.68 8.56 19.20
C PRO A 25 -14.15 7.12 19.17
N VAL A 26 -13.04 6.95 18.48
CA VAL A 26 -12.37 5.66 18.41
C VAL A 26 -11.41 5.61 19.58
N GLU A 27 -11.40 4.47 20.26
CA GLU A 27 -10.54 4.23 21.43
C GLU A 27 -9.06 4.42 21.08
N LYS A 28 -8.30 4.97 22.02
N LYS A 28 -8.30 4.99 22.02
CA LYS A 28 -6.88 5.23 21.80
CA LYS A 28 -6.87 5.23 21.82
C LYS A 28 -6.08 3.96 21.52
C LYS A 28 -6.09 3.95 21.50
N GLU A 29 -6.52 2.82 22.09
CA GLU A 29 -5.85 1.54 21.88
C GLU A 29 -6.02 1.10 20.43
N LYS A 30 -7.21 1.33 19.88
CA LYS A 30 -7.45 1.03 18.49
C LYS A 30 -6.66 1.96 17.53
N ILE A 31 -6.59 3.26 17.83
N ILE A 31 -6.59 3.26 17.83
CA ILE A 31 -5.74 4.18 17.06
CA ILE A 31 -5.76 4.19 17.07
C ILE A 31 -4.28 3.72 17.06
C ILE A 31 -4.28 3.73 17.06
N ASP A 32 -3.78 3.28 18.21
CA ASP A 32 -2.39 2.86 18.30
C ASP A 32 -2.12 1.60 17.46
N LYS A 33 -3.09 0.69 17.39
CA LYS A 33 -2.95 -0.52 16.56
C LYS A 33 -2.93 -0.19 15.08
N LEU A 34 -3.71 0.83 14.69
CA LEU A 34 -3.74 1.32 13.33
C LEU A 34 -2.36 1.83 12.91
N ILE A 35 -1.73 2.57 13.82
N ILE A 35 -1.69 2.59 13.77
CA ILE A 35 -0.40 3.13 13.61
CA ILE A 35 -0.38 3.14 13.39
C ILE A 35 0.63 2.00 13.51
C ILE A 35 0.71 2.05 13.53
N ARG A 36 0.60 1.11 14.49
N ARG A 36 0.53 1.14 14.47
CA ARG A 36 1.51 -0.04 14.53
CA ARG A 36 1.41 -0.04 14.54
C ARG A 36 1.41 -0.88 13.24
C ARG A 36 1.40 -0.81 13.24
N ALA A 37 0.19 -1.04 12.74
CA ALA A 37 -0.02 -1.71 11.45
C ALA A 37 0.69 -0.97 10.34
N GLY A 38 0.49 0.33 10.23
CA GLY A 38 1.22 1.14 9.24
C GLY A 38 2.72 1.00 9.28
N ALA A 40 4.45 -1.42 10.22
CA ALA A 40 4.89 -2.78 9.81
C ALA A 40 5.11 -2.92 8.28
N ALA A 41 4.83 -1.87 7.51
CA ALA A 41 5.04 -1.90 6.05
C ALA A 41 6.46 -2.25 5.67
N PRO A 42 6.63 -2.77 4.45
CA PRO A 42 7.97 -2.88 3.90
C PRO A 42 8.48 -1.46 3.58
N SER A 43 9.78 -1.32 3.37
CA SER A 43 10.41 -0.02 3.18
C SER A 43 11.68 -0.17 2.36
N SER A 44 11.81 0.62 1.32
CA SER A 44 13.02 0.61 0.50
C SER A 44 14.27 0.89 1.37
N ARG A 45 15.23 -0.03 1.28
N ARG A 45 15.24 -0.01 1.34
CA ARG A 45 16.46 -0.04 2.08
CA ARG A 45 16.48 0.13 2.12
C ARG A 45 16.17 0.14 3.57
C ARG A 45 16.20 0.11 3.63
N ASP A 46 15.01 -0.36 4.01
CA ASP A 46 14.55 -0.26 5.39
C ASP A 46 14.79 1.12 6.05
N ARG A 47 14.50 2.20 5.32
N ARG A 47 14.48 2.19 5.32
CA ARG A 47 14.68 3.57 5.83
CA ARG A 47 14.71 3.54 5.84
C ARG A 47 13.60 3.96 6.85
C ARG A 47 13.55 4.12 6.65
N ARG A 48 12.39 3.44 6.64
CA ARG A 48 11.25 3.71 7.49
C ARG A 48 10.89 5.21 7.54
N PRO A 49 10.64 5.77 6.37
CA PRO A 49 10.53 7.24 6.27
C PRO A 49 9.16 7.84 6.60
N TRP A 50 8.30 7.07 7.23
CA TRP A 50 6.96 7.49 7.54
C TRP A 50 6.86 8.26 8.87
N GLU A 51 5.85 9.11 8.94
CA GLU A 51 5.48 9.90 10.15
C GLU A 51 3.96 9.93 10.15
N PHE A 52 3.36 9.69 11.31
CA PHE A 52 1.93 9.62 11.47
C PHE A 52 1.42 10.75 12.37
N ILE A 53 0.49 11.55 11.86
CA ILE A 53 -0.12 12.61 12.68
C ILE A 53 -1.55 12.20 13.06
N ILE A 54 -1.80 12.05 14.36
CA ILE A 54 -3.13 11.76 14.87
C ILE A 54 -3.80 13.14 15.15
N VAL A 55 -4.88 13.43 14.45
CA VAL A 55 -5.50 14.76 14.52
C VAL A 55 -6.85 14.58 15.18
N THR A 56 -6.97 15.13 16.39
CA THR A 56 -8.23 15.19 17.11
C THR A 56 -8.74 16.64 17.32
N ASP A 57 -7.91 17.66 17.06
CA ASP A 57 -8.30 19.04 17.27
C ASP A 57 -9.45 19.45 16.30
N ARG A 58 -10.58 19.82 16.88
CA ARG A 58 -11.78 20.18 16.10
C ARG A 58 -11.54 21.29 15.09
N LYS A 59 -10.86 22.35 15.51
CA LYS A 59 -10.57 23.47 14.63
C LYS A 59 -9.72 23.01 13.42
N ALA A 60 -8.68 22.22 13.66
CA ALA A 60 -7.82 21.75 12.55
C ALA A 60 -8.60 20.86 11.59
N LEU A 61 -9.41 19.97 12.15
CA LEU A 61 -10.20 19.03 11.33
C LEU A 61 -11.19 19.78 10.46
N ASP A 62 -11.87 20.74 11.07
CA ASP A 62 -12.84 21.57 10.33
C ASP A 62 -12.18 22.48 9.28
N THR A 63 -11.01 23.05 9.58
CA THR A 63 -10.31 23.93 8.65
C THR A 63 -9.84 23.12 7.43
N ALA A 65 -11.21 20.20 6.38
CA ALA A 65 -12.47 19.92 5.67
C ALA A 65 -12.88 21.07 4.71
N GLU A 66 -12.78 22.30 5.19
N GLU A 66 -12.84 22.30 5.20
CA GLU A 66 -13.25 23.47 4.43
CA GLU A 66 -13.23 23.48 4.41
C GLU A 66 -12.27 23.90 3.31
C GLU A 66 -12.34 23.67 3.18
N GLY A 67 -11.05 23.32 3.34
CA GLY A 67 -10.07 23.53 2.28
C GLY A 67 -9.77 22.35 1.37
N LEU A 68 -10.40 21.21 1.61
CA LEU A 68 -10.20 20.01 0.83
C LEU A 68 -11.55 19.53 0.22
N PRO A 69 -11.82 19.94 -1.02
CA PRO A 69 -12.95 19.42 -1.80
C PRO A 69 -13.27 17.93 -1.70
N PHE A 70 -12.31 17.03 -1.64
CA PHE A 70 -12.76 15.63 -1.52
C PHE A 70 -12.59 15.00 -0.16
N ALA A 71 -12.50 15.87 0.85
CA ALA A 71 -12.30 15.41 2.22
C ALA A 71 -13.25 16.17 3.16
N ARG A 72 -14.46 16.44 2.69
CA ARG A 72 -15.40 17.22 3.51
C ARG A 72 -15.88 16.46 4.75
N LEU A 74 -14.17 15.15 6.96
CA LEU A 74 -13.35 15.53 8.13
C LEU A 74 -14.18 16.30 9.17
N LYS A 75 -15.21 17.02 8.70
CA LYS A 75 -16.11 17.76 9.60
C LYS A 75 -16.96 16.83 10.45
N GLU A 76 -17.12 15.58 9.98
CA GLU A 76 -18.00 14.60 10.58
C GLU A 76 -17.28 13.44 11.28
N THR A 77 -16.01 13.64 11.63
CA THR A 77 -15.31 12.66 12.45
C THR A 77 -14.59 13.35 13.59
N ARG A 78 -14.27 12.59 14.63
CA ARG A 78 -13.53 13.12 15.76
C ARG A 78 -12.05 12.84 15.62
N GLN A 79 -11.65 12.03 14.63
CA GLN A 79 -10.25 11.68 14.47
C GLN A 79 -9.88 11.31 13.03
N ALA A 80 -8.68 11.71 12.67
CA ALA A 80 -8.07 11.36 11.38
C ALA A 80 -6.59 11.13 11.60
N ILE A 81 -6.02 10.31 10.73
CA ILE A 81 -4.60 10.08 10.71
C ILE A 81 -4.00 10.56 9.37
N VAL A 82 -2.97 11.37 9.46
CA VAL A 82 -2.25 11.90 8.29
C VAL A 82 -0.92 11.16 8.15
N VAL A 83 -0.79 10.39 7.06
CA VAL A 83 0.44 9.68 6.78
C VAL A 83 1.34 10.59 5.95
N CYS A 84 2.59 10.78 6.45
CA CYS A 84 3.57 11.64 5.84
C CYS A 84 4.86 10.88 5.53
N GLY A 85 5.62 11.40 4.56
CA GLY A 85 6.93 10.86 4.28
C GLY A 85 8.01 11.87 4.50
N ASP A 86 9.12 11.38 5.03
CA ASP A 86 10.29 12.21 5.20
C ASP A 86 11.15 12.13 3.93
N THR A 87 11.19 13.24 3.21
CA THR A 87 11.81 13.26 1.87
C THR A 87 13.33 13.36 1.96
N ILE A 88 13.87 13.67 3.12
CA ILE A 88 15.31 13.53 3.36
C ILE A 88 15.72 12.04 3.55
N LYS A 89 14.93 11.28 4.30
CA LYS A 89 15.23 9.87 4.59
C LYS A 89 15.09 9.03 3.34
N SER A 90 14.12 9.33 2.49
CA SER A 90 13.91 8.52 1.26
C SER A 90 13.31 9.33 0.13
N SER A 91 14.14 10.10 -0.58
CA SER A 91 13.58 11.02 -1.55
C SER A 91 12.97 10.29 -2.75
N ASN A 92 13.43 9.08 -3.04
CA ASN A 92 12.91 8.29 -4.17
C ASN A 92 11.96 7.12 -3.83
N ALA A 93 11.61 6.93 -2.55
CA ALA A 93 10.73 5.84 -2.16
C ALA A 93 9.72 6.14 -1.07
N TRP A 94 9.77 7.33 -0.45
CA TRP A 94 8.86 7.58 0.66
C TRP A 94 7.39 7.37 0.22
N PHE A 95 7.05 7.79 -1.00
CA PHE A 95 5.66 7.72 -1.52
C PHE A 95 5.22 6.25 -1.80
N LEU A 96 6.18 5.37 -1.98
CA LEU A 96 5.90 3.93 -2.11
C LEU A 96 5.72 3.30 -0.71
N ASP A 97 6.73 3.47 0.15
CA ASP A 97 6.69 3.01 1.52
C ASP A 97 5.43 3.48 2.22
N CYS A 98 5.13 4.78 2.09
CA CYS A 98 4.00 5.36 2.80
C CYS A 98 2.65 4.94 2.25
N SER A 99 2.61 4.60 0.96
CA SER A 99 1.41 4.01 0.37
C SER A 99 1.17 2.59 0.91
N ALA A 100 2.23 1.81 1.05
CA ALA A 100 2.14 0.47 1.69
C ALA A 100 1.71 0.58 3.17
N ALA A 101 2.29 1.54 3.90
CA ALA A 101 1.87 1.81 5.27
C ALA A 101 0.38 2.15 5.36
N SER A 102 -0.04 3.05 4.45
CA SER A 102 -1.45 3.45 4.37
C SER A 102 -2.37 2.25 4.19
N GLN A 103 -2.02 1.36 3.26
CA GLN A 103 -2.81 0.17 3.01
C GLN A 103 -2.89 -0.76 4.23
N ASN A 104 -1.77 -0.97 4.93
CA ASN A 104 -1.82 -1.70 6.22
C ASN A 104 -2.83 -1.07 7.21
N LEU A 105 -2.83 0.26 7.25
CA LEU A 105 -3.67 1.01 8.21
C LEU A 105 -5.14 0.79 7.86
N LEU A 106 -5.47 0.88 6.57
CA LEU A 106 -6.85 0.69 6.13
C LEU A 106 -7.35 -0.73 6.40
N LEU A 107 -6.47 -1.73 6.22
CA LEU A 107 -6.82 -3.12 6.49
C LEU A 107 -7.00 -3.35 7.97
N ALA A 108 -6.08 -2.79 8.77
CA ALA A 108 -6.18 -2.83 10.23
C ALA A 108 -7.55 -2.29 10.68
N ALA A 109 -7.93 -1.13 10.15
CA ALA A 109 -9.23 -0.53 10.47
C ALA A 109 -10.39 -1.48 10.16
N GLU A 110 -10.46 -1.96 8.92
CA GLU A 110 -11.47 -2.93 8.54
C GLU A 110 -11.50 -4.12 9.50
N SER A 111 -10.33 -4.60 9.91
CA SER A 111 -10.25 -5.77 10.77
C SER A 111 -10.77 -5.55 12.18
N GLY A 113 -13.42 -3.49 12.88
CA GLY A 113 -14.77 -2.96 12.75
C GLY A 113 -14.85 -1.46 12.56
N LEU A 114 -13.74 -0.84 12.16
CA LEU A 114 -13.73 0.57 11.89
C LEU A 114 -13.92 0.84 10.39
N GLY A 115 -14.26 2.09 10.10
CA GLY A 115 -14.35 2.59 8.75
C GLY A 115 -13.27 3.65 8.59
N ALA A 116 -12.72 3.72 7.38
CA ALA A 116 -11.70 4.67 6.99
C ALA A 116 -11.72 4.89 5.48
N VAL A 117 -11.12 6.00 5.07
CA VAL A 117 -10.98 6.34 3.67
C VAL A 117 -9.69 7.09 3.46
N TRP A 118 -8.96 6.68 2.42
CA TRP A 118 -7.74 7.36 1.99
C TRP A 118 -8.16 8.60 1.17
N THR A 119 -7.86 9.79 1.66
CA THR A 119 -8.10 11.03 0.90
C THR A 119 -6.75 11.62 0.53
N ALA A 120 -6.59 11.93 -0.75
CA ALA A 120 -5.30 12.33 -1.28
C ALA A 120 -4.87 13.71 -0.79
N VAL A 121 -3.57 13.88 -0.54
CA VAL A 121 -2.98 15.20 -0.36
C VAL A 121 -1.94 15.41 -1.48
N TYR A 122 -0.75 14.83 -1.31
CA TYR A 122 0.17 14.64 -2.41
C TYR A 122 -0.56 13.87 -3.53
N PRO A 123 -0.29 14.23 -4.81
CA PRO A 123 0.67 15.22 -5.33
C PRO A 123 0.11 16.63 -5.60
N TYR A 124 -1.02 16.96 -4.99
CA TYR A 124 -1.76 18.22 -5.32
C TYR A 124 -1.26 19.40 -4.47
N PRO A 125 -0.57 20.35 -5.10
CA PRO A 125 -0.03 21.46 -4.29
C PRO A 125 -1.01 22.24 -3.41
N ASP A 126 -2.27 22.38 -3.84
CA ASP A 126 -3.27 23.09 -3.00
C ASP A 126 -3.67 22.30 -1.75
N ARG A 127 -3.74 20.98 -1.89
CA ARG A 127 -4.04 20.13 -0.74
C ARG A 127 -2.83 20.07 0.19
N ILE A 128 -1.63 19.96 -0.38
CA ILE A 128 -0.42 19.96 0.41
C ILE A 128 -0.32 21.25 1.24
N GLU A 129 -0.58 22.40 0.60
CA GLU A 129 -0.50 23.69 1.31
C GLU A 129 -1.32 23.74 2.59
N ILE A 130 -2.58 23.31 2.55
CA ILE A 130 -3.44 23.46 3.69
C ILE A 130 -3.10 22.47 4.79
N VAL A 131 -2.73 21.25 4.41
CA VAL A 131 -2.37 20.25 5.39
C VAL A 131 -1.07 20.62 6.07
N ARG A 132 -0.07 21.06 5.30
CA ARG A 132 1.17 21.51 5.86
C ARG A 132 0.98 22.67 6.82
N LYS A 133 0.15 23.64 6.42
N LYS A 133 0.15 23.64 6.44
CA LYS A 133 -0.15 24.81 7.22
CA LYS A 133 -0.05 24.81 7.28
C LYS A 133 -0.82 24.43 8.54
C LYS A 133 -0.84 24.47 8.56
N GLU A 134 -1.93 23.72 8.46
CA GLU A 134 -2.72 23.41 9.66
C GLU A 134 -1.97 22.50 10.65
N LEU A 135 -1.02 21.70 10.16
CA LEU A 135 -0.34 20.75 11.03
C LEU A 135 1.11 21.13 11.27
N ARG A 136 1.52 22.29 10.76
CA ARG A 136 2.88 22.82 10.98
C ARG A 136 3.94 21.77 10.60
N LEU A 137 3.76 21.17 9.42
CA LEU A 137 4.71 20.19 8.92
C LEU A 137 5.95 20.84 8.37
N PRO A 138 7.13 20.41 8.85
CA PRO A 138 8.41 20.92 8.32
C PRO A 138 8.52 20.67 6.82
N ASP A 139 9.40 21.43 6.18
N ASP A 139 9.27 21.49 6.07
CA ASP A 139 9.59 21.43 4.74
CA ASP A 139 9.30 21.31 4.59
C ASP A 139 9.97 20.07 4.14
C ASP A 139 9.78 19.91 4.19
N HIS A 140 10.71 19.29 4.93
CA HIS A 140 11.16 17.92 4.54
C HIS A 140 10.14 16.80 4.84
N ILE A 141 8.97 17.17 5.36
CA ILE A 141 7.89 16.23 5.66
C ILE A 141 6.75 16.48 4.68
N PRO A 143 2.98 15.45 3.37
CA PRO A 143 1.77 14.68 3.63
C PRO A 143 1.24 13.91 2.41
N LEU A 144 1.07 12.58 2.58
CA LEU A 144 0.60 11.73 1.49
C LEU A 144 -0.93 11.82 1.40
N ASN A 145 -1.56 11.76 2.56
CA ASN A 145 -3.03 11.61 2.64
C ASN A 145 -3.59 12.09 3.97
N VAL A 146 -4.91 12.24 4.03
CA VAL A 146 -5.61 12.31 5.29
C VAL A 146 -6.56 11.14 5.35
N ILE A 147 -6.53 10.40 6.44
CA ILE A 147 -7.37 9.21 6.60
C ILE A 147 -8.31 9.42 7.80
N PRO A 148 -9.53 9.89 7.52
CA PRO A 148 -10.52 9.91 8.59
C PRO A 148 -10.84 8.48 9.00
N VAL A 149 -11.07 8.30 10.28
N VAL A 149 -11.14 8.32 10.28
CA VAL A 149 -11.48 7.01 10.79
CA VAL A 149 -11.37 7.02 10.92
C VAL A 149 -12.69 7.22 11.70
C VAL A 149 -12.54 7.11 11.91
N GLY A 150 -13.46 6.15 11.85
CA GLY A 150 -14.61 6.12 12.76
C GLY A 150 -15.37 4.80 12.67
N TYR A 151 -16.32 4.62 13.58
CA TYR A 151 -17.24 3.49 13.51
C TYR A 151 -18.23 3.76 12.39
N PRO A 152 -18.42 2.80 11.49
CA PRO A 152 -19.29 3.05 10.36
C PRO A 152 -20.75 3.32 10.79
N GLN A 154 -23.37 2.95 8.86
CA GLN A 154 -24.27 2.01 8.18
C GLN A 154 -23.50 0.88 7.51
N LYS A 155 -24.22 -0.17 7.10
CA LYS A 155 -23.62 -1.28 6.36
C LYS A 155 -23.11 -0.74 5.04
N GLU A 156 -21.86 -1.11 4.73
CA GLU A 156 -21.19 -0.70 3.52
C GLU A 156 -20.81 -2.00 2.82
N THR A 157 -20.75 -1.97 1.50
N THR A 157 -20.81 -1.99 1.49
CA THR A 157 -20.45 -3.15 0.69
CA THR A 157 -20.44 -3.16 0.69
C THR A 157 -19.19 -2.90 -0.15
C THR A 157 -19.16 -2.87 -0.11
N PRO A 158 -18.28 -3.89 -0.20
CA PRO A 158 -17.05 -3.70 -0.97
C PRO A 158 -17.31 -3.76 -2.46
N LYS A 159 -16.41 -3.15 -3.24
CA LYS A 159 -16.45 -3.29 -4.69
C LYS A 159 -15.72 -4.57 -5.06
N ASN A 160 -16.23 -5.25 -6.09
CA ASN A 160 -15.49 -6.38 -6.68
C ASN A 160 -14.79 -5.91 -7.92
N LYS A 161 -13.47 -5.76 -7.79
CA LYS A 161 -12.68 -5.12 -8.83
C LYS A 161 -11.94 -6.15 -9.71
N TYR A 162 -12.16 -7.45 -9.48
CA TYR A 162 -11.46 -8.48 -10.27
C TYR A 162 -11.76 -8.33 -11.76
N ASN A 163 -10.71 -8.33 -12.57
CA ASN A 163 -10.80 -8.11 -14.04
C ASN A 163 -9.68 -8.92 -14.71
N VAL A 164 -10.03 -10.08 -15.28
N VAL A 164 -10.05 -9.95 -15.49
CA VAL A 164 -9.05 -11.02 -15.81
CA VAL A 164 -9.07 -10.80 -16.18
C VAL A 164 -8.23 -10.38 -16.92
C VAL A 164 -8.25 -10.07 -17.27
N GLN A 165 -8.81 -9.33 -17.51
N GLN A 165 -8.77 -8.99 -17.86
CA GLN A 165 -8.15 -8.58 -18.59
CA GLN A 165 -7.99 -8.26 -18.86
C GLN A 165 -6.99 -7.69 -18.12
C GLN A 165 -6.74 -7.59 -18.26
N GLN A 166 -6.83 -7.56 -16.80
N GLN A 166 -6.73 -7.40 -16.94
CA GLN A 166 -5.64 -6.90 -16.24
CA GLN A 166 -5.57 -6.82 -16.24
C GLN A 166 -4.61 -7.93 -15.73
C GLN A 166 -4.46 -7.82 -15.93
N ILE A 167 -4.72 -9.16 -16.24
N ILE A 167 -4.65 -9.07 -16.33
CA ILE A 167 -3.72 -10.21 -16.02
CA ILE A 167 -3.66 -10.08 -16.06
C ILE A 167 -3.01 -10.56 -17.36
C ILE A 167 -3.01 -10.60 -17.36
N HIS A 168 -1.68 -10.65 -17.32
CA HIS A 168 -0.86 -10.91 -18.49
C HIS A 168 0.14 -11.98 -18.11
N HIS A 169 0.60 -12.74 -19.09
CA HIS A 169 1.53 -13.84 -18.87
C HIS A 169 2.77 -13.66 -19.73
N ASN A 170 3.92 -13.50 -19.06
CA ASN A 170 5.24 -13.45 -19.66
C ASN A 170 5.56 -12.23 -20.51
N GLY A 171 4.68 -11.26 -20.49
CA GLY A 171 4.81 -10.06 -21.29
C GLY A 171 3.42 -9.48 -21.40
N TRP A 172 3.37 -8.25 -21.90
CA TRP A 172 2.11 -7.56 -22.12
C TRP A 172 1.16 -8.41 -22.97
N GLU B 5 -8.69 -12.46 19.10
CA GLU B 5 -7.51 -12.65 18.21
C GLU B 5 -7.79 -12.08 16.84
N ASN B 6 -6.89 -11.24 16.33
CA ASN B 6 -7.08 -10.60 15.04
C ASN B 6 -6.06 -11.15 14.05
N GLN B 7 -6.49 -12.10 13.23
CA GLN B 7 -5.59 -12.76 12.30
C GLN B 7 -5.00 -11.83 11.24
N THR B 8 -5.79 -10.86 10.81
CA THR B 8 -5.35 -9.88 9.82
C THR B 8 -4.20 -9.04 10.40
N LEU B 9 -4.35 -8.53 11.62
N LEU B 9 -4.36 -8.57 11.63
CA LEU B 9 -3.28 -7.78 12.27
CA LEU B 9 -3.34 -7.77 12.26
C LEU B 9 -2.06 -8.66 12.43
C LEU B 9 -2.08 -8.59 12.53
N GLU B 10 -2.28 -9.91 12.83
N GLU B 10 -2.23 -9.87 12.84
CA GLU B 10 -1.22 -10.86 13.01
CA GLU B 10 -1.05 -10.72 13.01
C GLU B 10 -0.39 -10.98 11.72
C GLU B 10 -0.33 -10.95 11.68
N THR B 11 -1.07 -11.14 10.59
CA THR B 11 -0.40 -11.23 9.27
C THR B 11 0.40 -9.96 8.95
N ILE B 12 -0.22 -8.81 9.20
CA ILE B 12 0.42 -7.52 8.96
C ILE B 12 1.71 -7.43 9.77
N LEU B 13 1.66 -7.83 11.03
CA LEU B 13 2.80 -7.68 11.92
C LEU B 13 3.86 -8.76 11.69
N ASN B 14 3.47 -9.90 11.13
CA ASN B 14 4.44 -10.97 10.84
C ASN B 14 4.98 -11.02 9.44
N ARG B 15 4.42 -10.22 8.53
CA ARG B 15 4.95 -10.19 7.15
C ARG B 15 6.42 -9.81 7.21
N LYS B 16 7.23 -10.49 6.40
CA LYS B 16 8.62 -10.13 6.16
C LYS B 16 8.99 -10.36 4.71
N SER B 17 10.04 -9.68 4.28
CA SER B 17 10.63 -9.91 2.95
C SER B 17 11.35 -11.25 2.95
N VAL B 18 10.91 -12.13 2.06
CA VAL B 18 11.52 -13.47 1.93
C VAL B 18 12.25 -13.51 0.58
N ARG B 19 13.54 -13.83 0.62
CA ARG B 19 14.42 -13.80 -0.55
C ARG B 19 15.04 -15.15 -0.91
N LYS B 20 14.71 -16.18 -0.14
CA LYS B 20 15.25 -17.54 -0.31
C LYS B 20 14.09 -18.52 -0.29
N TYR B 21 13.98 -19.35 -1.33
CA TYR B 21 12.80 -20.17 -1.54
C TYR B 21 13.15 -21.65 -1.77
N LYS B 22 12.21 -22.50 -1.42
CA LYS B 22 12.20 -23.91 -1.83
C LYS B 22 12.18 -23.94 -3.34
N ASP B 23 12.92 -24.87 -3.93
CA ASP B 23 12.96 -24.98 -5.39
C ASP B 23 11.78 -25.79 -5.89
N ARG B 24 10.65 -25.11 -6.03
CA ARG B 24 9.42 -25.71 -6.47
C ARG B 24 8.48 -24.60 -6.88
N PRO B 25 7.58 -24.89 -7.82
CA PRO B 25 6.62 -23.89 -8.24
C PRO B 25 5.44 -23.71 -7.29
N VAL B 26 4.81 -22.55 -7.39
CA VAL B 26 3.68 -22.25 -6.57
C VAL B 26 2.43 -22.56 -7.37
N GLU B 27 1.42 -23.08 -6.71
CA GLU B 27 0.11 -23.41 -7.30
C GLU B 27 -0.53 -22.23 -7.99
N LYS B 28 -1.00 -22.46 -9.20
CA LYS B 28 -1.69 -21.43 -9.97
C LYS B 28 -2.82 -20.74 -9.20
N GLU B 29 -3.56 -21.50 -8.40
CA GLU B 29 -4.70 -20.96 -7.65
C GLU B 29 -4.19 -19.96 -6.59
N LYS B 30 -3.02 -20.21 -6.03
CA LYS B 30 -2.44 -19.27 -5.06
C LYS B 30 -1.99 -17.96 -5.74
N ILE B 31 -1.38 -18.08 -6.91
CA ILE B 31 -0.96 -16.94 -7.72
C ILE B 31 -2.16 -16.11 -8.08
N ASP B 32 -3.25 -16.76 -8.49
CA ASP B 32 -4.46 -16.03 -8.80
C ASP B 32 -5.02 -15.23 -7.61
N LYS B 33 -4.99 -15.84 -6.44
CA LYS B 33 -5.45 -15.20 -5.20
C LYS B 33 -4.57 -13.98 -4.84
N LEU B 34 -3.28 -14.10 -5.06
CA LEU B 34 -2.36 -12.95 -4.92
C LEU B 34 -2.85 -11.75 -5.74
N ILE B 35 -3.21 -12.01 -6.98
CA ILE B 35 -3.61 -10.98 -7.92
C ILE B 35 -4.99 -10.41 -7.57
N ARG B 36 -5.92 -11.30 -7.21
N ARG B 36 -5.90 -11.30 -7.20
CA ARG B 36 -7.23 -10.87 -6.72
CA ARG B 36 -7.21 -10.89 -6.71
C ARG B 36 -7.07 -9.92 -5.52
C ARG B 36 -7.09 -9.95 -5.50
N ALA B 37 -6.16 -10.26 -4.61
CA ALA B 37 -5.89 -9.42 -3.44
C ALA B 37 -5.41 -8.03 -3.89
N GLY B 38 -4.48 -8.00 -4.83
CA GLY B 38 -3.97 -6.75 -5.44
C GLY B 38 -5.07 -5.88 -6.02
N ALA B 40 -8.08 -5.66 -5.24
CA ALA B 40 -8.96 -5.14 -4.21
C ALA B 40 -8.48 -3.83 -3.54
N ALA B 41 -7.32 -3.32 -3.93
CA ALA B 41 -6.77 -2.09 -3.37
C ALA B 41 -7.73 -0.91 -3.60
N PRO B 42 -7.62 0.12 -2.74
CA PRO B 42 -8.29 1.39 -3.04
C PRO B 42 -7.61 2.03 -4.26
N SER B 43 -8.30 2.96 -4.92
CA SER B 43 -7.78 3.57 -6.14
C SER B 43 -8.26 5.01 -6.26
N SER B 44 -7.34 5.93 -6.51
CA SER B 44 -7.71 7.34 -6.75
C SER B 44 -8.78 7.45 -7.86
N ARG B 45 -9.91 8.06 -7.51
N ARG B 45 -9.89 8.07 -7.50
CA ARG B 45 -11.07 8.20 -8.41
CA ARG B 45 -11.06 8.23 -8.39
C ARG B 45 -11.59 6.88 -8.96
C ARG B 45 -11.53 6.89 -8.98
N ASP B 46 -11.30 5.80 -8.26
CA ASP B 46 -11.60 4.44 -8.71
C ASP B 46 -11.20 4.15 -10.15
N ARG B 47 -10.01 4.63 -10.54
N ARG B 47 -10.01 4.63 -10.56
CA ARG B 47 -9.55 4.46 -11.90
CA ARG B 47 -9.55 4.43 -11.92
C ARG B 47 -8.90 3.09 -12.16
C ARG B 47 -9.04 3.01 -12.16
N ARG B 48 -8.60 2.33 -11.10
CA ARG B 48 -8.06 0.94 -11.22
C ARG B 48 -7.01 0.79 -12.31
N PRO B 49 -5.92 1.53 -12.21
CA PRO B 49 -4.93 1.62 -13.29
C PRO B 49 -3.89 0.43 -13.32
N TRP B 50 -4.06 -0.52 -12.41
CA TRP B 50 -3.09 -1.62 -12.27
C TRP B 50 -3.19 -2.65 -13.43
N GLU B 51 -2.03 -3.21 -13.74
CA GLU B 51 -1.85 -4.34 -14.66
C GLU B 51 -0.84 -5.29 -14.01
N PHE B 52 -1.09 -6.60 -14.08
CA PHE B 52 -0.24 -7.60 -13.43
C PHE B 52 0.35 -8.55 -14.49
N ILE B 53 1.66 -8.72 -14.50
CA ILE B 53 2.34 -9.62 -15.43
C ILE B 53 2.85 -10.79 -14.59
N ILE B 54 2.26 -11.96 -14.81
CA ILE B 54 2.83 -13.20 -14.28
C ILE B 54 3.99 -13.71 -15.14
N VAL B 55 5.18 -13.80 -14.54
CA VAL B 55 6.39 -14.16 -15.25
C VAL B 55 6.92 -15.53 -14.76
N THR B 56 6.82 -16.51 -15.65
CA THR B 56 7.36 -17.86 -15.44
C THR B 56 8.48 -18.23 -16.43
N ASP B 57 8.64 -17.45 -17.48
CA ASP B 57 9.73 -17.71 -18.43
C ASP B 57 11.11 -17.59 -17.79
N ARG B 58 11.92 -18.64 -17.87
CA ARG B 58 13.21 -18.66 -17.20
C ARG B 58 14.14 -17.57 -17.66
N LYS B 59 14.23 -17.38 -18.97
CA LYS B 59 15.10 -16.35 -19.54
C LYS B 59 14.70 -14.94 -19.05
N ALA B 60 13.38 -14.68 -19.00
CA ALA B 60 12.83 -13.39 -18.52
C ALA B 60 13.24 -13.14 -17.08
N LEU B 61 13.06 -14.16 -16.23
CA LEU B 61 13.40 -14.05 -14.82
C LEU B 61 14.89 -13.82 -14.66
N ASP B 62 15.69 -14.59 -15.38
CA ASP B 62 17.15 -14.50 -15.25
C ASP B 62 17.69 -13.18 -15.77
N THR B 63 17.10 -12.68 -16.86
CA THR B 63 17.50 -11.40 -17.45
C THR B 63 17.23 -10.22 -16.49
N ALA B 65 16.92 -10.61 -13.16
CA ALA B 65 17.85 -10.90 -12.06
C ALA B 65 19.24 -10.34 -12.29
N GLU B 66 19.68 -10.41 -13.55
N GLU B 66 19.70 -10.34 -13.53
CA GLU B 66 20.98 -9.91 -13.98
CA GLU B 66 21.04 -9.85 -13.82
C GLU B 66 21.03 -8.39 -13.99
C GLU B 66 21.10 -8.36 -14.12
N GLY B 67 19.98 -7.77 -14.54
CA GLY B 67 19.97 -6.33 -14.84
C GLY B 67 19.59 -5.42 -13.69
N LEU B 68 18.71 -5.91 -12.81
CA LEU B 68 18.26 -5.16 -11.64
C LEU B 68 19.21 -5.36 -10.45
N PRO B 69 19.53 -4.27 -9.71
CA PRO B 69 20.25 -4.50 -8.46
C PRO B 69 19.30 -5.15 -7.41
N PHE B 70 19.86 -5.89 -6.48
CA PHE B 70 19.06 -6.44 -5.40
C PHE B 70 17.87 -7.27 -5.85
N ALA B 71 18.02 -7.98 -6.97
CA ALA B 71 16.98 -8.79 -7.55
C ALA B 71 17.48 -10.22 -7.84
N ARG B 72 18.53 -10.66 -7.16
CA ARG B 72 19.16 -11.95 -7.48
C ARG B 72 18.21 -13.13 -7.22
N LEU B 74 15.33 -13.53 -8.17
CA LEU B 74 14.56 -13.88 -9.39
C LEU B 74 15.08 -15.18 -10.05
N LYS B 75 16.39 -15.40 -9.95
CA LYS B 75 17.00 -16.66 -10.41
C LYS B 75 16.54 -17.90 -9.64
N GLU B 76 16.06 -17.71 -8.42
CA GLU B 76 15.75 -18.79 -7.51
C GLU B 76 14.26 -19.02 -7.29
N THR B 77 13.42 -18.40 -8.09
CA THR B 77 11.99 -18.65 -8.02
C THR B 77 11.53 -19.15 -9.38
N ARG B 78 10.39 -19.82 -9.40
CA ARG B 78 9.75 -20.22 -10.64
C ARG B 78 8.79 -19.18 -11.19
N GLN B 79 8.36 -18.23 -10.36
CA GLN B 79 7.40 -17.27 -10.83
C GLN B 79 7.51 -15.94 -10.04
N ALA B 80 7.32 -14.85 -10.76
CA ALA B 80 7.29 -13.50 -10.17
C ALA B 80 6.08 -12.77 -10.72
N ILE B 81 5.58 -11.80 -9.96
CA ILE B 81 4.49 -10.96 -10.43
C ILE B 81 5.01 -9.52 -10.56
N VAL B 82 4.83 -8.93 -11.74
CA VAL B 82 5.30 -7.55 -12.00
C VAL B 82 4.05 -6.68 -11.94
N VAL B 83 4.02 -5.75 -11.00
CA VAL B 83 2.88 -4.82 -10.89
C VAL B 83 3.19 -3.57 -11.69
N CYS B 84 2.24 -3.20 -12.57
CA CYS B 84 2.39 -2.08 -13.47
C CYS B 84 1.19 -1.16 -13.35
N GLY B 85 1.39 0.07 -13.78
CA GLY B 85 0.32 1.05 -13.81
C GLY B 85 0.13 1.65 -15.20
N ASP B 86 -1.14 1.91 -15.54
CA ASP B 86 -1.49 2.54 -16.79
C ASP B 86 -1.58 4.09 -16.57
N THR B 87 -0.60 4.81 -17.10
CA THR B 87 -0.47 6.26 -16.89
C THR B 87 -1.49 7.09 -17.63
N ILE B 88 -2.16 6.49 -18.61
CA ILE B 88 -3.27 7.14 -19.26
C ILE B 88 -4.50 7.11 -18.35
N LYS B 89 -4.73 5.98 -17.69
N LYS B 89 -4.70 5.99 -17.66
CA LYS B 89 -5.84 5.85 -16.73
CA LYS B 89 -5.83 5.85 -16.76
C LYS B 89 -5.65 6.73 -15.50
C LYS B 89 -5.66 6.61 -15.44
N SER B 90 -4.42 6.78 -14.99
CA SER B 90 -4.17 7.54 -13.76
C SER B 90 -2.81 8.25 -13.79
N SER B 91 -2.78 9.40 -14.45
CA SER B 91 -1.51 10.06 -14.71
C SER B 91 -0.83 10.62 -13.46
N ASN B 92 -1.57 10.94 -12.41
N ASN B 92 -1.63 11.01 -12.45
CA ASN B 92 -0.94 11.53 -11.24
CA ASN B 92 -1.13 11.61 -11.20
C ASN B 92 -0.82 10.60 -10.03
C ASN B 92 -0.79 10.59 -10.09
N ALA B 93 -1.56 9.49 -10.02
CA ALA B 93 -1.61 8.63 -8.84
C ALA B 93 -1.39 7.14 -9.11
N TRP B 94 -1.09 6.73 -10.33
CA TRP B 94 -0.97 5.27 -10.61
C TRP B 94 -0.05 4.54 -9.62
N PHE B 95 1.08 5.17 -9.28
CA PHE B 95 2.11 4.52 -8.48
C PHE B 95 1.68 4.40 -7.01
N LEU B 96 0.77 5.25 -6.56
CA LEU B 96 0.18 5.16 -5.22
C LEU B 96 -0.80 4.00 -5.17
N ASP B 97 -1.75 4.00 -6.11
CA ASP B 97 -2.68 2.88 -6.28
C ASP B 97 -1.93 1.53 -6.38
N CYS B 98 -0.90 1.50 -7.21
CA CYS B 98 -0.15 0.26 -7.48
C CYS B 98 0.67 -0.19 -6.25
N SER B 99 1.07 0.75 -5.41
CA SER B 99 1.77 0.41 -4.15
C SER B 99 0.80 -0.22 -3.17
N ALA B 100 -0.42 0.31 -3.07
CA ALA B 100 -1.47 -0.30 -2.23
C ALA B 100 -1.81 -1.72 -2.70
N ALA B 101 -1.94 -1.88 -4.02
CA ALA B 101 -2.16 -3.20 -4.63
C ALA B 101 -1.01 -4.16 -4.27
N SER B 102 0.22 -3.68 -4.41
CA SER B 102 1.39 -4.48 -4.06
C SER B 102 1.38 -4.94 -2.59
N GLN B 103 0.99 -4.06 -1.67
CA GLN B 103 0.94 -4.41 -0.26
C GLN B 103 -0.13 -5.46 0.04
N ASN B 104 -1.28 -5.34 -0.59
CA ASN B 104 -2.28 -6.41 -0.51
C ASN B 104 -1.72 -7.77 -0.95
N LEU B 105 -0.98 -7.74 -2.05
CA LEU B 105 -0.36 -8.93 -2.63
C LEU B 105 0.66 -9.53 -1.66
N LEU B 106 1.52 -8.71 -1.08
CA LEU B 106 2.46 -9.20 -0.08
C LEU B 106 1.77 -9.83 1.15
N LEU B 107 0.71 -9.19 1.63
CA LEU B 107 0.00 -9.71 2.79
C LEU B 107 -0.68 -11.03 2.44
N ALA B 108 -1.29 -11.09 1.25
CA ALA B 108 -1.92 -12.31 0.75
C ALA B 108 -0.91 -13.47 0.73
N ALA B 109 0.29 -13.22 0.21
CA ALA B 109 1.37 -14.20 0.19
C ALA B 109 1.65 -14.73 1.60
N GLU B 110 1.91 -13.82 2.57
CA GLU B 110 2.20 -14.19 3.96
C GLU B 110 1.06 -15.02 4.55
N SER B 111 -0.19 -14.64 4.26
CA SER B 111 -1.36 -15.37 4.78
C SER B 111 -1.51 -16.79 4.27
N GLY B 113 1.15 -18.81 3.60
CA GLY B 113 2.38 -19.53 3.85
C GLY B 113 3.44 -19.38 2.78
N LEU B 114 3.26 -18.41 1.89
CA LEU B 114 4.25 -18.08 0.90
C LEU B 114 5.18 -16.96 1.39
N GLY B 115 6.31 -16.84 0.71
CA GLY B 115 7.27 -15.79 0.89
C GLY B 115 7.31 -14.91 -0.36
N ALA B 116 7.50 -13.62 -0.16
CA ALA B 116 7.56 -12.64 -1.24
C ALA B 116 8.40 -11.42 -0.80
N VAL B 117 8.86 -10.66 -1.80
CA VAL B 117 9.63 -9.47 -1.54
C VAL B 117 9.35 -8.47 -2.67
N TRP B 118 9.17 -7.22 -2.28
CA TRP B 118 9.09 -6.12 -3.26
C TRP B 118 10.48 -5.80 -3.76
N THR B 119 10.75 -6.00 -5.04
N THR B 119 10.69 -5.94 -5.08
CA THR B 119 12.03 -5.52 -5.56
CA THR B 119 11.97 -5.64 -5.74
C THR B 119 11.78 -4.32 -6.44
C THR B 119 11.81 -4.34 -6.54
N ALA B 120 12.61 -3.32 -6.22
CA ALA B 120 12.45 -1.98 -6.79
C ALA B 120 12.67 -1.93 -8.32
N VAL B 121 11.77 -1.27 -9.01
CA VAL B 121 11.96 -0.93 -10.40
C VAL B 121 11.77 0.60 -10.49
N TYR B 122 10.54 1.05 -10.30
CA TYR B 122 10.23 2.48 -10.21
C TYR B 122 10.83 3.04 -8.91
N PRO B 123 11.35 4.28 -8.95
CA PRO B 123 11.41 5.24 -10.06
C PRO B 123 12.74 5.37 -10.79
N TYR B 124 13.41 4.25 -11.04
CA TYR B 124 14.76 4.31 -11.60
C TYR B 124 14.71 4.02 -13.09
N PRO B 125 14.98 5.02 -13.92
CA PRO B 125 14.81 4.79 -15.38
C PRO B 125 15.51 3.59 -16.01
N ASP B 126 16.74 3.33 -15.59
CA ASP B 126 17.48 2.19 -16.14
C ASP B 126 16.80 0.83 -15.78
N ARG B 127 16.23 0.74 -14.57
CA ARG B 127 15.46 -0.42 -14.13
C ARG B 127 14.14 -0.52 -14.87
N ILE B 128 13.44 0.61 -15.01
CA ILE B 128 12.19 0.65 -15.72
C ILE B 128 12.44 0.12 -17.17
N GLU B 129 13.52 0.58 -17.79
CA GLU B 129 13.85 0.17 -19.15
C GLU B 129 14.10 -1.37 -19.28
N ILE B 130 14.82 -1.96 -18.34
CA ILE B 130 15.06 -3.41 -18.33
C ILE B 130 13.75 -4.16 -18.36
N VAL B 131 12.86 -3.80 -17.46
CA VAL B 131 11.58 -4.48 -17.35
C VAL B 131 10.70 -4.22 -18.56
N ARG B 132 10.68 -2.97 -19.03
CA ARG B 132 9.91 -2.60 -20.19
C ARG B 132 10.34 -3.45 -21.42
N LYS B 133 11.63 -3.60 -21.64
CA LYS B 133 12.09 -4.27 -22.85
C LYS B 133 11.93 -5.78 -22.72
N GLU B 134 12.13 -6.30 -21.51
CA GLU B 134 11.94 -7.75 -21.29
C GLU B 134 10.51 -8.19 -21.47
N LEU B 135 9.55 -7.37 -21.02
CA LEU B 135 8.14 -7.72 -20.96
C LEU B 135 7.29 -7.06 -22.03
N ARG B 136 7.94 -6.35 -22.95
CA ARG B 136 7.28 -5.70 -24.10
C ARG B 136 6.14 -4.79 -23.67
N LEU B 137 6.44 -3.98 -22.64
CA LEU B 137 5.41 -3.12 -22.07
C LEU B 137 5.24 -1.87 -22.93
N PRO B 138 4.01 -1.60 -23.36
CA PRO B 138 3.74 -0.37 -24.08
C PRO B 138 4.15 0.86 -23.29
N ASP B 139 4.48 1.94 -23.98
CA ASP B 139 4.98 3.16 -23.35
C ASP B 139 4.09 3.73 -22.23
N HIS B 140 2.78 3.64 -22.36
CA HIS B 140 1.88 4.15 -21.34
C HIS B 140 1.71 3.24 -20.12
N ILE B 141 2.39 2.09 -20.12
CA ILE B 141 2.38 1.16 -19.01
C ILE B 141 3.72 1.30 -18.30
N PRO B 143 6.19 -0.06 -15.21
CA PRO B 143 6.42 -1.10 -14.22
C PRO B 143 6.76 -0.48 -12.82
N LEU B 144 6.06 -0.91 -11.78
CA LEU B 144 6.35 -0.46 -10.42
C LEU B 144 7.45 -1.24 -9.75
N ASN B 145 7.31 -2.58 -9.81
CA ASN B 145 8.20 -3.46 -9.09
C ASN B 145 8.22 -4.85 -9.75
N VAL B 146 9.05 -5.72 -9.18
CA VAL B 146 8.97 -7.18 -9.46
C VAL B 146 8.83 -7.86 -8.13
N ILE B 147 7.83 -8.73 -8.01
CA ILE B 147 7.59 -9.47 -6.76
C ILE B 147 7.76 -11.00 -7.00
N PRO B 148 8.95 -11.51 -6.71
CA PRO B 148 9.18 -12.97 -6.69
C PRO B 148 8.36 -13.55 -5.56
N VAL B 149 7.80 -14.74 -5.81
N VAL B 149 7.78 -14.73 -5.79
CA VAL B 149 6.97 -15.47 -4.84
CA VAL B 149 7.03 -15.43 -4.74
C VAL B 149 7.54 -16.90 -4.74
C VAL B 149 7.43 -16.91 -4.74
N GLY B 150 7.57 -17.48 -3.55
CA GLY B 150 7.87 -18.91 -3.39
C GLY B 150 7.54 -19.40 -1.98
N TYR B 151 7.62 -20.72 -1.79
CA TYR B 151 7.63 -21.30 -0.46
C TYR B 151 8.96 -20.92 0.22
N PRO B 152 8.90 -20.35 1.44
CA PRO B 152 10.14 -19.98 2.09
C PRO B 152 11.11 -21.16 2.32
N GLN B 154 13.41 -21.25 4.59
CA GLN B 154 13.65 -21.37 6.04
C GLN B 154 12.72 -20.47 6.83
N LYS B 155 12.66 -20.67 8.15
CA LYS B 155 11.92 -19.77 9.08
C LYS B 155 12.60 -18.42 9.04
N GLU B 156 11.80 -17.35 8.94
CA GLU B 156 12.33 -16.00 8.77
C GLU B 156 11.76 -15.16 9.91
N THR B 157 12.46 -14.10 10.30
CA THR B 157 12.01 -13.30 11.45
C THR B 157 11.48 -11.95 10.96
N PRO B 158 10.25 -11.57 11.38
CA PRO B 158 9.80 -10.21 11.07
C PRO B 158 10.51 -9.16 11.95
N LYS B 159 10.61 -7.96 11.39
CA LYS B 159 11.16 -6.80 12.08
C LYS B 159 10.08 -6.14 12.88
N ASN B 160 10.43 -5.65 14.07
CA ASN B 160 9.51 -4.84 14.86
C ASN B 160 9.90 -3.39 14.62
N LYS B 161 9.08 -2.70 13.83
CA LYS B 161 9.40 -1.37 13.38
C LYS B 161 8.72 -0.27 14.21
N TYR B 162 7.99 -0.62 15.26
CA TYR B 162 7.31 0.38 16.10
C TYR B 162 8.27 1.39 16.69
N ASN B 163 7.95 2.67 16.52
CA ASN B 163 8.74 3.75 17.06
C ASN B 163 7.81 4.90 17.43
N VAL B 164 7.70 5.18 18.73
N VAL B 164 7.70 5.17 18.74
CA VAL B 164 6.77 6.21 19.19
CA VAL B 164 6.82 6.22 19.27
C VAL B 164 7.19 7.61 18.72
C VAL B 164 7.20 7.61 18.75
N GLN B 165 8.46 7.79 18.36
CA GLN B 165 8.90 9.09 17.86
C GLN B 165 8.35 9.43 16.48
N GLN B 166 7.80 8.43 15.78
CA GLN B 166 7.15 8.66 14.50
C GLN B 166 5.64 8.90 14.62
N ILE B 167 5.14 9.07 15.86
CA ILE B 167 3.74 9.40 16.14
C ILE B 167 3.68 10.85 16.68
N HIS B 168 2.78 11.65 16.12
CA HIS B 168 2.64 13.09 16.41
C HIS B 168 1.15 13.35 16.70
N HIS B 169 0.88 14.28 17.62
CA HIS B 169 -0.51 14.56 18.01
C HIS B 169 -0.87 16.01 17.63
N ASN B 170 -1.88 16.12 16.76
CA ASN B 170 -2.42 17.40 16.25
C ASN B 170 -1.48 18.28 15.43
N GLY B 171 -0.36 17.75 15.00
CA GLY B 171 0.58 18.49 14.21
C GLY B 171 1.93 17.91 14.47
N TRP B 172 2.96 18.47 13.85
CA TRP B 172 4.29 17.96 13.99
C TRP B 172 4.72 17.99 15.47
#